data_2N8T
#
_entry.id   2N8T
#
_cell.length_a   1.000
_cell.length_b   1.000
_cell.length_c   1.000
_cell.angle_alpha   90.00
_cell.angle_beta   90.00
_cell.angle_gamma   90.00
#
_symmetry.space_group_name_H-M   'P 1'
#
loop_
_entity.id
_entity.type
_entity.pdbx_description
1 polymer 'E3 ubiquitin-protein ligase NEDD4'
2 polymer 'Cx43CT Peptide'
#
loop_
_entity_poly.entity_id
_entity_poly.type
_entity_poly.pdbx_seq_one_letter_code
_entity_poly.pdbx_strand_id
1 'polypeptide(L)' GSSSGLPPGWEEKQDDRGRSYYVDHNSKTTTWSKPTMQD A
2 'polypeptide(L)' APL(SEP)PM(SEP)PPGYKLV B
#
# COMPACT_ATOMS: atom_id res chain seq x y z
N GLY A 1 -15.39 3.61 -8.98
CA GLY A 1 -15.40 5.07 -9.22
C GLY A 1 -16.20 5.81 -8.16
N SER A 2 -15.54 6.72 -7.48
CA SER A 2 -16.17 7.57 -6.48
C SER A 2 -15.12 8.58 -6.01
N SER A 3 -14.94 9.65 -6.79
CA SER A 3 -13.84 10.59 -6.59
C SER A 3 -12.51 9.87 -6.81
N SER A 4 -11.42 10.46 -6.38
CA SER A 4 -10.11 9.84 -6.55
C SER A 4 -9.20 10.13 -5.37
N GLY A 5 -8.31 9.20 -5.08
CA GLY A 5 -7.40 9.34 -3.96
C GLY A 5 -6.49 8.15 -3.85
N LEU A 6 -7.10 6.98 -3.73
CA LEU A 6 -6.35 5.73 -3.72
C LEU A 6 -6.52 5.00 -5.04
N PRO A 7 -5.44 4.39 -5.56
CA PRO A 7 -5.51 3.57 -6.77
C PRO A 7 -6.37 2.33 -6.54
N PRO A 8 -6.89 1.73 -7.63
CA PRO A 8 -7.76 0.54 -7.55
C PRO A 8 -7.11 -0.62 -6.80
N GLY A 9 -7.56 -0.85 -5.57
CA GLY A 9 -7.08 -1.98 -4.80
C GLY A 9 -6.00 -1.60 -3.80
N TRP A 10 -6.01 -0.36 -3.35
CA TRP A 10 -5.04 0.09 -2.35
C TRP A 10 -5.70 0.29 -0.99
N GLU A 11 -5.10 -0.28 0.04
CA GLU A 11 -5.54 -0.04 1.39
C GLU A 11 -4.56 0.86 2.12
N GLU A 12 -5.08 1.89 2.76
CA GLU A 12 -4.29 2.79 3.56
C GLU A 12 -4.46 2.46 5.05
N LYS A 13 -3.40 1.98 5.68
CA LYS A 13 -3.48 1.61 7.10
C LYS A 13 -2.09 1.57 7.72
N GLN A 14 -2.03 1.60 9.04
CA GLN A 14 -0.76 1.64 9.76
C GLN A 14 -0.20 0.24 9.99
N ASP A 15 1.13 0.15 10.04
CA ASP A 15 1.83 -1.11 10.24
C ASP A 15 2.08 -1.35 11.73
N ASP A 16 2.95 -2.31 12.03
CA ASP A 16 3.34 -2.61 13.39
C ASP A 16 4.03 -1.40 14.03
N ARG A 17 4.81 -0.69 13.24
CA ARG A 17 5.54 0.47 13.73
C ARG A 17 4.61 1.67 13.87
N GLY A 18 3.43 1.56 13.29
CA GLY A 18 2.39 2.56 13.48
C GLY A 18 2.37 3.62 12.42
N ARG A 19 3.05 3.38 11.29
CA ARG A 19 3.09 4.36 10.23
C ARG A 19 2.08 3.98 9.14
N SER A 20 1.47 5.00 8.56
CA SER A 20 0.48 4.77 7.51
C SER A 20 1.17 4.28 6.24
N TYR A 21 0.95 3.01 5.90
CA TYR A 21 1.48 2.46 4.68
C TYR A 21 0.34 2.13 3.71
N TYR A 22 0.70 1.70 2.52
CA TYR A 22 -0.27 1.34 1.50
C TYR A 22 0.01 -0.07 1.00
N VAL A 23 -1.05 -0.83 0.76
CA VAL A 23 -0.89 -2.16 0.20
C VAL A 23 -1.68 -2.29 -1.10
N ASP A 24 -0.99 -2.72 -2.14
CA ASP A 24 -1.59 -2.94 -3.45
C ASP A 24 -2.13 -4.35 -3.57
N HIS A 25 -3.42 -4.47 -3.84
CA HIS A 25 -4.05 -5.78 -3.98
C HIS A 25 -3.90 -6.36 -5.39
N ASN A 26 -3.29 -5.61 -6.29
CA ASN A 26 -3.14 -6.07 -7.67
C ASN A 26 -2.08 -7.16 -7.76
N SER A 27 -0.88 -6.88 -7.24
CA SER A 27 0.13 -7.91 -7.14
C SER A 27 0.05 -8.56 -5.77
N LYS A 28 -0.59 -7.83 -4.85
CA LYS A 28 -0.76 -8.24 -3.45
C LYS A 28 0.55 -8.03 -2.72
N THR A 29 0.82 -6.78 -2.39
CA THR A 29 2.11 -6.37 -1.89
C THR A 29 2.01 -5.04 -1.15
N THR A 30 2.65 -4.95 -0.01
CA THR A 30 2.71 -3.71 0.74
C THR A 30 3.85 -2.84 0.23
N THR A 31 3.52 -1.62 -0.17
CA THR A 31 4.50 -0.71 -0.70
C THR A 31 4.30 0.68 -0.11
N TRP A 32 5.26 1.11 0.69
CA TRP A 32 5.17 2.43 1.31
C TRP A 32 5.58 3.48 0.30
N SER A 33 4.58 4.03 -0.37
CA SER A 33 4.76 5.08 -1.34
C SER A 33 3.70 6.15 -1.15
N LYS A 34 4.02 7.38 -1.52
CA LYS A 34 3.01 8.44 -1.52
C LYS A 34 2.47 8.61 -2.94
N PRO A 35 1.17 8.32 -3.12
CA PRO A 35 0.49 8.42 -4.43
C PRO A 35 0.69 9.78 -5.09
N THR A 36 1.06 9.75 -6.36
CA THR A 36 1.30 10.96 -7.12
C THR A 36 -0.01 11.54 -7.65
N MET A 37 0.01 12.84 -7.96
CA MET A 37 -1.16 13.51 -8.49
C MET A 37 -0.92 13.91 -9.94
N GLN A 38 -1.80 13.46 -10.82
CA GLN A 38 -1.72 13.83 -12.22
C GLN A 38 -2.93 14.66 -12.60
N ASP A 39 -2.69 15.94 -12.83
CA ASP A 39 -3.77 16.87 -13.12
C ASP A 39 -3.31 17.88 -14.15
N ALA B 1 10.43 -10.88 -11.03
CA ALA B 1 9.72 -10.41 -9.83
C ALA B 1 8.59 -9.45 -10.21
N PRO B 2 7.34 -9.94 -10.19
CA PRO B 2 6.16 -9.12 -10.51
C PRO B 2 5.58 -8.43 -9.27
N LEU B 3 6.11 -8.78 -8.10
CA LEU B 3 5.65 -8.23 -6.83
C LEU B 3 6.67 -7.26 -6.27
N SEP B 4 6.18 -6.19 -5.64
CA SEP B 4 7.03 -5.15 -5.08
CB SEP B 4 6.24 -3.85 -5.02
OG SEP B 4 5.84 -3.47 -6.34
C SEP B 4 7.54 -5.54 -3.69
O SEP B 4 6.81 -6.16 -2.91
P SEP B 4 5.03 -2.11 -6.22
O1P SEP B 4 5.88 -1.06 -5.62
O2P SEP B 4 4.55 -1.63 -7.69
O3P SEP B 4 3.74 -2.34 -5.29
H SEP B 4 5.21 -6.10 -5.56
HA SEP B 4 7.88 -5.03 -5.74
HB2 SEP B 4 6.87 -3.06 -4.62
HB3 SEP B 4 5.36 -3.97 -4.42
N PRO B 5 8.79 -5.20 -3.36
CA PRO B 5 9.39 -5.51 -2.06
C PRO B 5 8.74 -4.69 -0.93
N MET B 6 8.28 -5.39 0.10
CA MET B 6 7.59 -4.75 1.22
C MET B 6 8.58 -4.27 2.26
N SEP B 7 8.50 -2.99 2.60
CA SEP B 7 9.38 -2.43 3.61
CB SEP B 7 9.77 -1.00 3.22
OG SEP B 7 10.44 -1.02 1.96
C SEP B 7 8.75 -2.47 5.01
O SEP B 7 9.39 -2.99 5.94
P SEP B 7 10.81 0.49 1.60
O1P SEP B 7 11.67 1.07 2.65
O2P SEP B 7 11.58 0.55 0.19
O3P SEP B 7 9.47 1.37 1.49
H SEP B 7 7.85 -2.42 2.16
HA SEP B 7 10.28 -3.02 3.63
HB2 SEP B 7 10.43 -0.58 3.96
HB3 SEP B 7 8.88 -0.38 3.14
N PRO B 8 7.51 -1.96 5.21
CA PRO B 8 6.86 -2.05 6.51
C PRO B 8 6.08 -3.37 6.67
N PRO B 9 5.98 -3.87 7.91
CA PRO B 9 5.28 -5.13 8.21
C PRO B 9 3.76 -5.01 8.13
N GLY B 10 3.06 -6.09 8.50
CA GLY B 10 1.62 -6.05 8.55
C GLY B 10 0.99 -7.00 7.56
N TYR B 11 1.29 -6.80 6.28
CA TYR B 11 0.77 -7.65 5.23
C TYR B 11 1.66 -8.88 5.08
N LYS B 12 1.05 -10.06 5.23
CA LYS B 12 1.77 -11.33 5.22
C LYS B 12 2.59 -11.48 6.51
N LEU B 13 2.39 -10.53 7.43
CA LEU B 13 3.11 -10.46 8.69
C LEU B 13 4.58 -10.14 8.48
N VAL B 14 5.39 -11.15 8.17
CA VAL B 14 6.81 -10.97 7.93
C VAL B 14 7.29 -11.91 6.83
N GLY A 1 -10.98 2.05 1.03
CA GLY A 1 -10.41 3.42 0.92
C GLY A 1 -11.32 4.37 0.17
N SER A 2 -12.41 3.82 -0.41
CA SER A 2 -13.42 4.62 -1.11
C SER A 2 -12.83 5.25 -2.38
N SER A 3 -13.62 6.07 -3.06
CA SER A 3 -13.16 6.74 -4.25
C SER A 3 -12.37 8.00 -3.86
N SER A 4 -11.06 7.86 -3.82
CA SER A 4 -10.19 8.94 -3.39
C SER A 4 -9.18 9.27 -4.47
N GLY A 5 -8.29 8.33 -4.77
CA GLY A 5 -7.31 8.52 -5.80
C GLY A 5 -6.20 7.49 -5.73
N LEU A 6 -6.55 6.28 -5.31
CA LEU A 6 -5.59 5.19 -5.17
C LEU A 6 -5.78 4.19 -6.30
N PRO A 7 -4.70 3.48 -6.70
CA PRO A 7 -4.78 2.46 -7.74
C PRO A 7 -5.72 1.31 -7.33
N PRO A 8 -6.35 0.65 -8.31
CA PRO A 8 -7.33 -0.41 -8.05
C PRO A 8 -6.74 -1.55 -7.22
N GLY A 9 -7.28 -1.73 -6.01
CA GLY A 9 -6.85 -2.82 -5.16
C GLY A 9 -5.89 -2.37 -4.06
N TRP A 10 -5.69 -1.06 -3.95
CA TRP A 10 -4.83 -0.51 -2.90
C TRP A 10 -5.64 -0.07 -1.70
N GLU A 11 -5.36 -0.65 -0.54
CA GLU A 11 -6.01 -0.25 0.70
C GLU A 11 -5.11 0.67 1.51
N GLU A 12 -5.74 1.60 2.23
CA GLU A 12 -5.04 2.43 3.18
C GLU A 12 -5.03 1.72 4.53
N LYS A 13 -3.87 1.25 4.94
CA LYS A 13 -3.72 0.48 6.17
C LYS A 13 -2.51 0.96 6.95
N GLN A 14 -2.28 0.37 8.11
CA GLN A 14 -1.20 0.81 8.98
C GLN A 14 -0.20 -0.32 9.24
N ASP A 15 1.05 0.05 9.49
CA ASP A 15 2.09 -0.93 9.79
C ASP A 15 2.22 -1.12 11.29
N ASP A 16 3.25 -1.85 11.71
CA ASP A 16 3.49 -2.12 13.13
C ASP A 16 3.68 -0.84 13.93
N ARG A 17 4.15 0.21 13.25
CA ARG A 17 4.43 1.48 13.90
C ARG A 17 3.20 2.37 13.91
N GLY A 18 2.20 2.00 13.14
CA GLY A 18 0.99 2.79 13.05
C GLY A 18 1.05 3.79 11.91
N ARG A 19 1.99 3.57 10.98
CA ARG A 19 2.14 4.43 9.83
C ARG A 19 1.15 4.06 8.75
N SER A 20 0.51 5.04 8.16
CA SER A 20 -0.40 4.81 7.06
C SER A 20 0.37 4.48 5.80
N TYR A 21 0.23 3.25 5.35
CA TYR A 21 0.83 2.82 4.10
C TYR A 21 -0.28 2.28 3.21
N TYR A 22 0.09 1.83 2.02
CA TYR A 22 -0.88 1.26 1.11
C TYR A 22 -0.48 -0.15 0.70
N VAL A 23 -1.46 -1.05 0.72
CA VAL A 23 -1.22 -2.43 0.36
C VAL A 23 -1.90 -2.80 -0.95
N ASP A 24 -1.12 -3.32 -1.88
CA ASP A 24 -1.62 -3.79 -3.17
C ASP A 24 -2.15 -5.21 -3.02
N HIS A 25 -3.46 -5.36 -3.18
CA HIS A 25 -4.09 -6.67 -3.06
C HIS A 25 -3.98 -7.49 -4.34
N ASN A 26 -3.50 -6.87 -5.40
CA ASN A 26 -3.39 -7.53 -6.70
C ASN A 26 -2.26 -8.55 -6.68
N SER A 27 -1.12 -8.16 -6.14
CA SER A 27 0.05 -9.02 -6.07
C SER A 27 0.38 -9.35 -4.62
N LYS A 28 -0.32 -8.68 -3.69
CA LYS A 28 -0.07 -8.81 -2.26
C LYS A 28 1.27 -8.20 -1.88
N THR A 29 1.32 -6.88 -1.83
CA THR A 29 2.54 -6.17 -1.53
C THR A 29 2.27 -4.97 -0.62
N THR A 30 3.04 -4.86 0.44
CA THR A 30 2.97 -3.71 1.32
C THR A 30 4.00 -2.66 0.90
N THR A 31 3.55 -1.43 0.75
CA THR A 31 4.46 -0.34 0.40
C THR A 31 4.05 0.91 1.16
N TRP A 32 4.89 1.93 1.12
CA TRP A 32 4.60 3.20 1.78
C TRP A 32 3.36 3.86 1.17
N SER A 33 2.99 5.01 1.73
CA SER A 33 1.75 5.69 1.34
C SER A 33 1.69 5.91 -0.17
N LYS A 34 0.47 6.00 -0.71
CA LYS A 34 0.24 6.05 -2.15
C LYS A 34 1.22 6.99 -2.86
N PRO A 35 1.60 6.64 -4.11
CA PRO A 35 2.40 7.49 -4.97
C PRO A 35 1.94 8.95 -4.92
N THR A 36 2.85 9.84 -4.59
CA THR A 36 2.51 11.24 -4.43
C THR A 36 2.74 12.01 -5.72
N MET A 37 3.95 11.90 -6.26
CA MET A 37 4.33 12.58 -7.49
C MET A 37 4.32 14.10 -7.26
N GLN A 38 4.30 14.84 -8.35
CA GLN A 38 4.10 16.26 -8.29
C GLN A 38 2.90 16.59 -9.19
N ASP A 39 1.72 16.28 -8.67
CA ASP A 39 0.48 16.38 -9.43
C ASP A 39 -0.52 17.25 -8.68
N ALA B 1 0.23 -4.86 -8.26
CA ALA B 1 0.32 -5.19 -9.71
C ALA B 1 1.73 -5.64 -10.10
N PRO B 2 2.79 -4.82 -9.86
CA PRO B 2 4.16 -5.22 -10.20
C PRO B 2 4.79 -6.16 -9.18
N LEU B 3 4.16 -6.26 -8.02
CA LEU B 3 4.66 -7.08 -6.91
C LEU B 3 6.01 -6.55 -6.43
N SEP B 4 7.10 -7.19 -6.88
CA SEP B 4 8.45 -6.81 -6.45
CB SEP B 4 8.74 -5.37 -6.89
OG SEP B 4 8.64 -5.28 -8.32
C SEP B 4 8.64 -7.02 -4.94
O SEP B 4 7.70 -7.40 -4.23
P SEP B 4 8.97 -3.77 -8.74
O1P SEP B 4 10.33 -3.42 -8.32
O2P SEP B 4 8.87 -3.61 -10.33
O3P SEP B 4 7.93 -2.76 -8.04
H SEP B 4 6.99 -7.92 -7.52
HA SEP B 4 9.14 -7.47 -6.97
HB2 SEP B 4 9.75 -5.09 -6.59
HB3 SEP B 4 8.03 -4.70 -6.44
N PRO B 5 9.87 -6.85 -4.41
CA PRO B 5 10.12 -6.97 -2.96
C PRO B 5 9.33 -5.98 -2.12
N MET B 6 8.84 -6.45 -0.98
CA MET B 6 8.07 -5.60 -0.07
C MET B 6 9.02 -4.72 0.74
N SEP B 7 8.59 -3.52 1.08
CA SEP B 7 9.45 -2.56 1.75
CB SEP B 7 9.30 -1.18 1.11
OG SEP B 7 9.65 -1.24 -0.27
C SEP B 7 9.21 -2.50 3.27
O SEP B 7 10.08 -2.89 4.04
P SEP B 7 9.46 0.25 -0.84
O1P SEP B 7 10.32 1.18 -0.09
O2P SEP B 7 9.84 0.30 -2.41
O3P SEP B 7 7.92 0.66 -0.65
H SEP B 7 7.66 -3.26 0.85
HA SEP B 7 10.46 -2.89 1.59
HB2 SEP B 7 9.94 -0.47 1.61
HB3 SEP B 7 8.27 -0.85 1.19
N PRO B 8 8.02 -2.03 3.74
CA PRO B 8 7.77 -1.84 5.16
C PRO B 8 7.13 -3.07 5.82
N PRO B 9 6.96 -3.05 7.16
CA PRO B 9 6.28 -4.13 7.89
C PRO B 9 4.76 -4.09 7.70
N GLY B 10 4.02 -4.56 8.70
CA GLY B 10 2.58 -4.61 8.60
C GLY B 10 2.10 -5.80 7.81
N TYR B 11 1.71 -5.57 6.56
CA TYR B 11 1.22 -6.64 5.70
C TYR B 11 2.39 -7.48 5.18
N LYS B 12 2.90 -8.35 6.04
CA LYS B 12 4.03 -9.20 5.68
C LYS B 12 3.81 -10.62 6.17
N LEU B 13 2.61 -10.89 6.65
CA LEU B 13 2.26 -12.23 7.12
C LEU B 13 0.79 -12.51 6.89
N VAL B 14 0.45 -13.79 6.72
CA VAL B 14 -0.93 -14.19 6.53
C VAL B 14 -1.39 -15.06 7.70
N GLY A 1 -11.26 17.74 -11.19
CA GLY A 1 -11.99 16.46 -11.03
C GLY A 1 -11.25 15.50 -10.10
N SER A 2 -10.72 16.01 -9.01
CA SER A 2 -10.03 15.18 -8.04
C SER A 2 -11.04 14.55 -7.08
N SER A 3 -11.49 13.35 -7.44
CA SER A 3 -12.51 12.66 -6.66
C SER A 3 -11.91 11.96 -5.45
N SER A 4 -10.61 11.69 -5.51
CA SER A 4 -9.89 11.02 -4.43
C SER A 4 -10.32 9.55 -4.32
N GLY A 5 -9.42 8.64 -4.70
CA GLY A 5 -9.73 7.23 -4.62
C GLY A 5 -8.53 6.36 -4.91
N LEU A 6 -8.20 5.47 -3.98
CA LEU A 6 -7.12 4.52 -4.17
C LEU A 6 -7.47 3.52 -5.28
N PRO A 7 -6.46 2.95 -5.95
CA PRO A 7 -6.68 1.95 -7.00
C PRO A 7 -7.39 0.71 -6.48
N PRO A 8 -8.20 0.07 -7.33
CA PRO A 8 -8.92 -1.16 -6.98
C PRO A 8 -7.97 -2.24 -6.47
N GLY A 9 -8.17 -2.64 -5.22
CA GLY A 9 -7.31 -3.63 -4.61
C GLY A 9 -6.30 -3.04 -3.66
N TRP A 10 -6.41 -1.75 -3.38
CA TRP A 10 -5.50 -1.10 -2.45
C TRP A 10 -6.18 -0.85 -1.10
N GLU A 11 -5.43 -1.08 -0.04
CA GLU A 11 -5.89 -0.78 1.32
C GLU A 11 -4.96 0.24 1.96
N GLU A 12 -5.53 1.18 2.70
CA GLU A 12 -4.75 2.18 3.41
C GLU A 12 -4.84 1.94 4.92
N LYS A 13 -3.77 1.42 5.50
CA LYS A 13 -3.75 1.15 6.93
C LYS A 13 -2.34 1.36 7.48
N GLN A 14 -2.24 1.45 8.79
CA GLN A 14 -0.98 1.75 9.45
C GLN A 14 -0.20 0.47 9.74
N ASP A 15 1.09 0.61 10.03
CA ASP A 15 1.92 -0.54 10.37
C ASP A 15 1.86 -0.77 11.88
N ASP A 16 2.84 -1.49 12.41
CA ASP A 16 2.94 -1.73 13.84
C ASP A 16 3.21 -0.43 14.59
N ARG A 17 3.75 0.56 13.88
CA ARG A 17 4.07 1.85 14.45
C ARG A 17 2.94 2.85 14.28
N GLY A 18 2.53 3.03 13.03
CA GLY A 18 1.53 4.04 12.73
C GLY A 18 1.75 4.68 11.37
N ARG A 19 2.67 4.11 10.59
CA ARG A 19 2.88 4.56 9.22
C ARG A 19 1.71 4.13 8.35
N SER A 20 0.89 5.09 7.94
CA SER A 20 -0.21 4.79 7.03
C SER A 20 0.34 4.45 5.66
N TYR A 21 0.25 3.18 5.30
CA TYR A 21 0.77 2.70 4.03
C TYR A 21 -0.34 2.09 3.18
N TYR A 22 0.04 1.61 2.01
CA TYR A 22 -0.92 1.06 1.09
C TYR A 22 -0.53 -0.36 0.68
N VAL A 23 -1.42 -1.30 0.87
CA VAL A 23 -1.15 -2.67 0.48
C VAL A 23 -2.02 -3.05 -0.71
N ASP A 24 -1.37 -3.55 -1.75
CA ASP A 24 -2.06 -3.96 -2.97
C ASP A 24 -2.42 -5.45 -2.88
N HIS A 25 -3.70 -5.75 -3.04
CA HIS A 25 -4.19 -7.12 -2.88
C HIS A 25 -3.73 -8.02 -4.03
N ASN A 26 -3.48 -7.43 -5.19
CA ASN A 26 -3.24 -8.22 -6.40
C ASN A 26 -1.98 -9.06 -6.27
N SER A 27 -0.88 -8.40 -5.96
CA SER A 27 0.40 -9.05 -5.87
C SER A 27 0.83 -9.18 -4.41
N LYS A 28 -0.14 -8.92 -3.52
CA LYS A 28 0.07 -9.01 -2.07
C LYS A 28 1.35 -8.30 -1.64
N THR A 29 1.51 -7.08 -2.11
CA THR A 29 2.70 -6.31 -1.83
C THR A 29 2.31 -4.94 -1.29
N THR A 30 2.85 -4.60 -0.15
CA THR A 30 2.49 -3.36 0.52
C THR A 30 3.64 -2.34 0.47
N THR A 31 3.45 -1.32 -0.34
CA THR A 31 4.46 -0.29 -0.51
C THR A 31 3.92 1.05 -0.05
N TRP A 32 4.78 1.87 0.54
CA TRP A 32 4.36 3.20 0.91
C TRP A 32 4.44 4.09 -0.33
N SER A 33 3.35 4.21 -1.02
CA SER A 33 3.25 5.09 -2.18
C SER A 33 1.93 5.84 -2.15
N LYS A 34 1.98 7.15 -2.32
CA LYS A 34 0.76 7.94 -2.35
C LYS A 34 0.17 7.90 -3.75
N PRO A 35 -0.93 7.14 -3.92
CA PRO A 35 -1.53 6.90 -5.23
C PRO A 35 -2.32 8.10 -5.73
N THR A 36 -2.23 8.34 -7.04
CA THR A 36 -2.94 9.44 -7.69
C THR A 36 -2.27 10.79 -7.39
N MET A 37 -2.31 11.68 -8.38
CA MET A 37 -1.65 12.99 -8.29
C MET A 37 -0.15 12.82 -8.49
N GLN A 38 0.60 13.88 -8.22
CA GLN A 38 2.04 13.86 -8.37
C GLN A 38 2.69 14.86 -7.42
N ASP A 39 3.28 14.34 -6.37
CA ASP A 39 3.98 15.18 -5.40
C ASP A 39 5.49 14.97 -5.52
N ALA B 1 5.22 -6.35 -10.71
CA ALA B 1 5.06 -6.67 -9.26
C ALA B 1 4.54 -8.09 -9.07
N PRO B 2 5.44 -9.04 -8.75
CA PRO B 2 5.03 -10.42 -8.43
C PRO B 2 4.60 -10.57 -6.97
N LEU B 3 5.57 -10.76 -6.10
CA LEU B 3 5.32 -10.87 -4.65
C LEU B 3 6.37 -10.06 -3.91
N SEP B 4 6.73 -8.93 -4.49
CA SEP B 4 7.87 -8.11 -4.05
CB SEP B 4 7.80 -6.78 -4.79
OG SEP B 4 7.88 -7.03 -6.19
C SEP B 4 7.89 -7.87 -2.53
O SEP B 4 6.86 -7.65 -1.90
P SEP B 4 7.82 -5.61 -6.94
O1P SEP B 4 8.93 -4.75 -6.50
O2P SEP B 4 7.91 -5.81 -8.53
O3P SEP B 4 6.43 -4.89 -6.59
H SEP B 4 6.22 -8.62 -5.27
HA SEP B 4 8.77 -8.61 -4.33
HB2 SEP B 4 8.63 -6.16 -4.49
HB3 SEP B 4 6.86 -6.29 -4.58
N PRO B 5 9.10 -7.94 -1.94
CA PRO B 5 9.33 -7.62 -0.53
C PRO B 5 9.28 -6.11 -0.29
N MET B 6 8.90 -5.70 0.92
CA MET B 6 8.68 -4.29 1.20
C MET B 6 9.02 -3.98 2.66
N SEP B 7 8.67 -2.76 3.11
CA SEP B 7 8.97 -2.34 4.48
CB SEP B 7 9.24 -0.84 4.56
OG SEP B 7 10.36 -0.48 3.76
C SEP B 7 7.82 -2.70 5.44
O SEP B 7 8.07 -3.32 6.46
P SEP B 7 10.53 1.10 3.94
O1P SEP B 7 10.74 1.42 5.37
O2P SEP B 7 11.76 1.63 3.07
O3P SEP B 7 9.18 1.84 3.45
H SEP B 7 8.21 -2.14 2.50
HA SEP B 7 9.85 -2.86 4.80
HB2 SEP B 7 9.44 -0.56 5.59
HB3 SEP B 7 8.37 -0.29 4.21
N PRO B 8 6.56 -2.27 5.15
CA PRO B 8 5.42 -2.52 6.05
C PRO B 8 5.38 -3.92 6.65
N PRO B 9 5.31 -3.97 8.00
CA PRO B 9 5.30 -5.21 8.77
C PRO B 9 3.94 -5.89 8.77
N GLY B 10 3.29 -5.90 7.62
CA GLY B 10 1.99 -6.50 7.50
C GLY B 10 1.73 -6.98 6.09
N TYR B 11 0.96 -8.06 5.97
CA TYR B 11 0.62 -8.67 4.68
C TYR B 11 1.82 -9.42 4.11
N LYS B 12 2.93 -8.72 3.94
CA LYS B 12 4.15 -9.33 3.43
C LYS B 12 5.12 -9.58 4.58
N LEU B 13 5.07 -10.79 5.11
CA LEU B 13 5.90 -11.17 6.25
C LEU B 13 7.00 -12.14 5.82
N VAL B 14 8.02 -12.26 6.65
CA VAL B 14 9.11 -13.20 6.40
C VAL B 14 9.23 -14.17 7.59
N GLY A 1 -13.55 14.18 2.94
CA GLY A 1 -12.65 13.02 3.18
C GLY A 1 -12.80 11.96 2.12
N SER A 2 -12.02 12.09 1.06
CA SER A 2 -12.12 11.19 -0.08
C SER A 2 -10.74 10.90 -0.68
N SER A 3 -10.12 9.84 -0.20
CA SER A 3 -8.80 9.45 -0.67
C SER A 3 -8.92 8.55 -1.91
N SER A 4 -8.81 9.15 -3.08
CA SER A 4 -8.87 8.42 -4.33
C SER A 4 -7.76 8.90 -5.26
N GLY A 5 -7.19 7.97 -6.04
CA GLY A 5 -6.10 8.32 -6.91
C GLY A 5 -5.05 7.23 -6.97
N LEU A 6 -5.15 6.27 -6.05
CA LEU A 6 -4.22 5.14 -6.01
C LEU A 6 -4.34 4.30 -7.28
N PRO A 7 -3.24 3.64 -7.68
CA PRO A 7 -3.22 2.78 -8.86
C PRO A 7 -4.09 1.54 -8.67
N PRO A 8 -4.70 1.04 -9.77
CA PRO A 8 -5.55 -0.15 -9.72
C PRO A 8 -4.83 -1.34 -9.10
N GLY A 9 -5.44 -1.94 -8.10
CA GLY A 9 -4.84 -3.06 -7.41
C GLY A 9 -4.27 -2.66 -6.06
N TRP A 10 -4.06 -1.35 -5.88
CA TRP A 10 -3.56 -0.82 -4.61
C TRP A 10 -4.74 -0.54 -3.68
N GLU A 11 -4.55 -0.76 -2.39
CA GLU A 11 -5.58 -0.50 -1.40
C GLU A 11 -5.00 0.33 -0.26
N GLU A 12 -5.77 1.30 0.23
CA GLU A 12 -5.28 2.20 1.26
C GLU A 12 -5.41 1.57 2.65
N LYS A 13 -4.25 1.38 3.29
CA LYS A 13 -4.19 0.85 4.63
C LYS A 13 -3.22 1.68 5.48
N GLN A 14 -2.88 1.18 6.65
CA GLN A 14 -1.97 1.87 7.53
C GLN A 14 -0.92 0.91 8.08
N ASP A 15 0.24 1.45 8.44
CA ASP A 15 1.29 0.67 9.07
C ASP A 15 1.22 0.84 10.59
N ASP A 16 2.27 0.44 11.29
CA ASP A 16 2.32 0.56 12.75
C ASP A 16 2.48 2.01 13.20
N ARG A 17 3.19 2.81 12.40
CA ARG A 17 3.48 4.19 12.77
C ARG A 17 2.28 5.10 12.48
N GLY A 18 1.33 4.59 11.72
CA GLY A 18 0.14 5.35 11.41
C GLY A 18 0.24 6.09 10.10
N ARG A 19 1.04 5.54 9.19
CA ARG A 19 1.16 6.10 7.86
C ARG A 19 0.25 5.35 6.92
N SER A 20 -0.41 6.07 6.03
CA SER A 20 -1.27 5.45 5.06
C SER A 20 -0.46 4.93 3.88
N TYR A 21 -0.32 3.61 3.79
CA TYR A 21 0.38 3.01 2.68
C TYR A 21 -0.60 2.23 1.82
N TYR A 22 -0.13 1.70 0.71
CA TYR A 22 -1.03 1.07 -0.24
C TYR A 22 -0.57 -0.33 -0.58
N VAL A 23 -1.47 -1.29 -0.40
CA VAL A 23 -1.15 -2.69 -0.60
C VAL A 23 -1.57 -3.18 -1.98
N ASP A 24 -0.69 -3.93 -2.62
CA ASP A 24 -0.99 -4.55 -3.90
C ASP A 24 -1.55 -5.95 -3.69
N HIS A 25 -2.69 -6.22 -4.30
CA HIS A 25 -3.35 -7.52 -4.14
C HIS A 25 -2.75 -8.58 -5.07
N ASN A 26 -1.87 -8.17 -5.98
CA ASN A 26 -1.30 -9.09 -6.95
C ASN A 26 -0.11 -9.84 -6.35
N SER A 27 0.79 -9.10 -5.70
CA SER A 27 1.97 -9.69 -5.10
C SER A 27 1.65 -10.24 -3.72
N LYS A 28 0.44 -9.92 -3.23
CA LYS A 28 0.00 -10.31 -1.89
C LYS A 28 0.86 -9.58 -0.86
N THR A 29 1.35 -8.42 -1.23
CA THR A 29 2.23 -7.65 -0.38
C THR A 29 1.84 -6.18 -0.36
N THR A 30 2.08 -5.52 0.74
CA THR A 30 1.82 -4.10 0.84
C THR A 30 3.04 -3.32 0.37
N THR A 31 2.80 -2.20 -0.31
CA THR A 31 3.89 -1.38 -0.81
C THR A 31 3.87 -0.02 -0.13
N TRP A 32 4.91 0.34 0.60
CA TRP A 32 4.96 1.67 1.14
C TRP A 32 5.49 2.61 0.07
N SER A 33 4.58 3.19 -0.70
CA SER A 33 4.93 4.18 -1.70
C SER A 33 3.92 5.31 -1.64
N LYS A 34 4.35 6.53 -1.94
CA LYS A 34 3.41 7.63 -2.09
C LYS A 34 3.18 7.91 -3.58
N PRO A 35 2.12 7.33 -4.17
CA PRO A 35 1.73 7.65 -5.53
C PRO A 35 1.33 9.12 -5.66
N THR A 36 1.52 9.68 -6.84
CA THR A 36 1.29 11.10 -7.07
C THR A 36 -0.17 11.49 -6.82
N MET A 37 -0.41 11.97 -5.60
CA MET A 37 -1.72 12.41 -5.15
C MET A 37 -1.56 13.64 -4.28
N GLN A 38 -2.66 14.26 -3.89
CA GLN A 38 -2.57 15.44 -3.01
C GLN A 38 -2.99 15.08 -1.59
N ASP A 39 -2.10 14.38 -0.88
CA ASP A 39 -2.28 14.03 0.53
C ASP A 39 -1.17 13.07 0.96
N ALA B 1 5.13 -13.86 -12.16
CA ALA B 1 4.12 -12.90 -11.66
C ALA B 1 4.82 -11.77 -10.91
N PRO B 2 4.23 -10.57 -10.91
CA PRO B 2 4.76 -9.40 -10.20
C PRO B 2 4.85 -9.62 -8.70
N LEU B 3 6.04 -9.43 -8.14
CA LEU B 3 6.24 -9.48 -6.71
C LEU B 3 6.98 -8.22 -6.28
N SEP B 4 8.25 -8.13 -6.68
CA SEP B 4 9.08 -6.95 -6.45
CB SEP B 4 8.44 -5.77 -7.19
OG SEP B 4 8.39 -6.06 -8.59
C SEP B 4 9.28 -6.67 -4.95
O SEP B 4 8.72 -7.36 -4.09
P SEP B 4 7.72 -4.82 -9.36
O1P SEP B 4 8.54 -3.60 -9.14
O2P SEP B 4 7.66 -5.13 -10.93
O3P SEP B 4 6.24 -4.57 -8.82
H SEP B 4 8.64 -8.90 -7.15
HA SEP B 4 10.04 -7.15 -6.89
HB2 SEP B 4 9.04 -4.87 -7.03
HB3 SEP B 4 7.44 -5.59 -6.82
N PRO B 5 10.13 -5.70 -4.59
CA PRO B 5 10.42 -5.37 -3.18
C PRO B 5 9.29 -4.60 -2.51
N MET B 6 8.27 -5.33 -2.06
CA MET B 6 7.19 -4.73 -1.28
C MET B 6 7.39 -5.11 0.17
N SEP B 7 7.89 -4.18 0.98
CA SEP B 7 8.38 -4.54 2.31
CB SEP B 7 9.88 -4.85 2.18
OG SEP B 7 10.05 -5.92 1.26
C SEP B 7 8.16 -3.46 3.39
O SEP B 7 9.14 -2.88 3.87
P SEP B 7 11.62 -6.21 1.14
O1P SEP B 7 12.17 -6.57 2.47
O2P SEP B 7 11.86 -7.42 0.12
O3P SEP B 7 12.36 -4.91 0.60
H SEP B 7 7.94 -3.25 0.68
HA SEP B 7 7.87 -5.45 2.62
HB2 SEP B 7 10.28 -5.13 3.14
HB3 SEP B 7 10.39 -3.97 1.80
N PRO B 8 6.91 -3.14 3.76
CA PRO B 8 6.61 -2.35 4.94
C PRO B 8 6.05 -3.23 6.07
N PRO B 9 5.89 -2.68 7.29
CA PRO B 9 5.30 -3.42 8.40
C PRO B 9 3.79 -3.56 8.28
N GLY B 10 3.35 -4.73 7.86
CA GLY B 10 1.92 -5.00 7.76
C GLY B 10 1.59 -5.96 6.64
N TYR B 11 0.40 -6.56 6.72
CA TYR B 11 -0.12 -7.48 5.69
C TYR B 11 0.57 -8.85 5.77
N LYS B 12 1.90 -8.81 5.87
CA LYS B 12 2.70 -10.01 6.05
C LYS B 12 2.97 -10.24 7.54
N LEU B 13 3.33 -11.47 7.87
CA LEU B 13 3.63 -11.81 9.26
C LEU B 13 5.13 -11.73 9.51
N VAL B 14 5.50 -11.25 10.68
CA VAL B 14 6.90 -11.13 11.05
C VAL B 14 7.25 -12.14 12.13
N GLY A 1 -14.09 14.96 0.90
CA GLY A 1 -14.23 13.68 0.18
C GLY A 1 -14.32 13.87 -1.31
N SER A 2 -13.22 13.61 -2.01
CA SER A 2 -13.18 13.77 -3.46
C SER A 2 -12.21 12.77 -4.08
N SER A 3 -12.42 12.47 -5.37
CA SER A 3 -11.56 11.57 -6.14
C SER A 3 -11.54 10.15 -5.56
N SER A 4 -10.67 9.31 -6.09
CA SER A 4 -10.56 7.93 -5.65
C SER A 4 -9.61 7.82 -4.44
N GLY A 5 -8.74 8.82 -4.31
CA GLY A 5 -7.75 8.80 -3.24
C GLY A 5 -6.59 7.88 -3.56
N LEU A 6 -6.86 6.59 -3.52
CA LEU A 6 -5.85 5.58 -3.81
C LEU A 6 -6.19 4.86 -5.11
N PRO A 7 -5.17 4.30 -5.79
CA PRO A 7 -5.38 3.55 -7.03
C PRO A 7 -6.18 2.28 -6.81
N PRO A 8 -6.94 1.84 -7.82
CA PRO A 8 -7.77 0.63 -7.72
C PRO A 8 -6.94 -0.60 -7.34
N GLY A 9 -7.27 -1.20 -6.21
CA GLY A 9 -6.57 -2.37 -5.73
C GLY A 9 -5.59 -2.07 -4.62
N TRP A 10 -5.57 -0.82 -4.16
CA TRP A 10 -4.71 -0.43 -3.05
C TRP A 10 -5.50 -0.39 -1.75
N GLU A 11 -5.00 -1.11 -0.75
CA GLU A 11 -5.68 -1.23 0.53
C GLU A 11 -5.03 -0.31 1.56
N GLU A 12 -5.84 0.53 2.20
CA GLU A 12 -5.34 1.44 3.23
C GLU A 12 -5.41 0.76 4.60
N LYS A 13 -4.25 0.54 5.21
CA LYS A 13 -4.18 -0.15 6.50
C LYS A 13 -3.10 0.47 7.37
N GLN A 14 -2.87 -0.10 8.54
CA GLN A 14 -1.81 0.37 9.42
C GLN A 14 -0.89 -0.77 9.82
N ASP A 15 0.35 -0.46 10.15
CA ASP A 15 1.27 -1.44 10.68
C ASP A 15 1.19 -1.39 12.22
N ASP A 16 1.89 -2.28 12.91
CA ASP A 16 1.80 -2.34 14.37
C ASP A 16 2.48 -1.15 15.04
N ARG A 17 3.33 -0.45 14.31
CA ARG A 17 3.98 0.74 14.81
C ARG A 17 3.07 1.95 14.71
N GLY A 18 2.10 1.87 13.80
CA GLY A 18 1.13 2.92 13.65
C GLY A 18 1.24 3.62 12.32
N ARG A 19 2.09 3.10 11.45
CA ARG A 19 2.26 3.67 10.13
C ARG A 19 1.13 3.23 9.23
N SER A 20 0.31 4.18 8.79
CA SER A 20 -0.73 3.87 7.83
C SER A 20 -0.11 3.72 6.45
N TYR A 21 -0.13 2.51 5.93
CA TYR A 21 0.48 2.21 4.65
C TYR A 21 -0.56 1.78 3.64
N TYR A 22 -0.12 1.59 2.42
CA TYR A 22 -0.98 1.05 1.38
C TYR A 22 -0.44 -0.29 0.92
N VAL A 23 -1.29 -1.27 0.84
CA VAL A 23 -0.89 -2.56 0.33
C VAL A 23 -1.64 -2.88 -0.95
N ASP A 24 -0.88 -3.05 -2.01
CA ASP A 24 -1.46 -3.37 -3.30
C ASP A 24 -1.92 -4.82 -3.34
N HIS A 25 -3.14 -5.04 -3.80
CA HIS A 25 -3.70 -6.39 -3.85
C HIS A 25 -3.23 -7.16 -5.08
N ASN A 26 -2.56 -6.46 -6.01
CA ASN A 26 -2.11 -7.08 -7.25
C ASN A 26 -0.91 -7.99 -6.99
N SER A 27 0.13 -7.44 -6.38
CA SER A 27 1.28 -8.22 -6.00
C SER A 27 1.16 -8.65 -4.55
N LYS A 28 0.19 -8.05 -3.87
CA LYS A 28 -0.08 -8.33 -2.46
C LYS A 28 1.11 -7.92 -1.63
N THR A 29 1.70 -6.80 -2.04
CA THR A 29 2.87 -6.24 -1.41
C THR A 29 2.51 -5.02 -0.58
N THR A 30 3.00 -4.99 0.65
CA THR A 30 2.79 -3.84 1.50
C THR A 30 3.88 -2.81 1.21
N THR A 31 3.48 -1.73 0.56
CA THR A 31 4.43 -0.74 0.07
C THR A 31 3.99 0.66 0.45
N TRP A 32 4.82 1.36 1.19
CA TRP A 32 4.51 2.72 1.55
C TRP A 32 4.84 3.61 0.36
N SER A 33 3.84 3.88 -0.44
CA SER A 33 4.00 4.66 -1.65
C SER A 33 2.93 5.73 -1.73
N LYS A 34 3.36 6.97 -1.59
CA LYS A 34 2.47 8.12 -1.63
C LYS A 34 2.12 8.52 -3.07
N PRO A 35 0.88 8.30 -3.49
CA PRO A 35 0.43 8.72 -4.80
C PRO A 35 -0.03 10.17 -4.80
N THR A 36 0.55 10.98 -5.68
CA THR A 36 0.25 12.40 -5.72
C THR A 36 0.13 12.90 -7.17
N MET A 37 0.08 11.96 -8.10
CA MET A 37 -0.03 12.30 -9.51
C MET A 37 -0.98 11.34 -10.21
N GLN A 38 -1.49 11.76 -11.35
CA GLN A 38 -2.46 10.97 -12.10
C GLN A 38 -1.73 10.06 -13.09
N ASP A 39 -1.55 8.81 -12.70
CA ASP A 39 -0.95 7.83 -13.59
C ASP A 39 -2.04 7.01 -14.25
N ALA B 1 1.06 -5.58 -12.25
CA ALA B 1 2.25 -5.18 -11.46
C ALA B 1 2.94 -6.41 -10.88
N PRO B 2 4.28 -6.47 -10.98
CA PRO B 2 5.07 -7.55 -10.39
C PRO B 2 5.46 -7.26 -8.94
N LEU B 3 5.93 -8.29 -8.25
CA LEU B 3 6.27 -8.21 -6.83
C LEU B 3 7.24 -7.07 -6.54
N SEP B 4 6.86 -6.24 -5.58
CA SEP B 4 7.67 -5.11 -5.16
CB SEP B 4 6.77 -3.89 -4.96
OG SEP B 4 6.11 -3.56 -6.17
C SEP B 4 8.40 -5.43 -3.86
O SEP B 4 8.15 -6.46 -3.23
P SEP B 4 5.20 -2.28 -5.84
O1P SEP B 4 6.07 -1.17 -5.37
O2P SEP B 4 4.42 -1.82 -7.16
O3P SEP B 4 4.17 -2.65 -4.69
H SEP B 4 5.98 -6.37 -5.16
HA SEP B 4 8.39 -4.90 -5.94
HB2 SEP B 4 7.37 -3.05 -4.64
HB3 SEP B 4 6.03 -4.11 -4.21
N PRO B 5 9.34 -4.57 -3.44
CA PRO B 5 9.95 -4.66 -2.11
C PRO B 5 8.92 -4.37 -1.02
N MET B 6 9.10 -4.95 0.16
CA MET B 6 8.14 -4.79 1.24
C MET B 6 8.79 -4.11 2.43
N SEP B 7 8.03 -3.28 3.12
CA SEP B 7 8.59 -2.47 4.21
CB SEP B 7 8.55 -0.99 3.84
OG SEP B 7 9.31 -0.77 2.66
C SEP B 7 7.88 -2.73 5.56
O SEP B 7 8.50 -3.28 6.47
P SEP B 7 9.21 0.80 2.34
O1P SEP B 7 9.74 1.57 3.48
O2P SEP B 7 10.05 1.14 1.01
O3P SEP B 7 7.66 1.18 2.10
H SEP B 7 7.09 -3.19 2.91
HA SEP B 7 9.63 -2.77 4.32
HB2 SEP B 7 8.95 -0.40 4.63
HB3 SEP B 7 7.52 -0.69 3.66
N PRO B 8 6.59 -2.35 5.72
CA PRO B 8 5.92 -2.44 7.02
C PRO B 8 5.27 -3.81 7.25
N PRO B 9 5.17 -4.22 8.53
CA PRO B 9 4.53 -5.48 8.91
C PRO B 9 3.00 -5.42 8.77
N GLY B 10 2.40 -6.55 8.45
CA GLY B 10 0.95 -6.61 8.37
C GLY B 10 0.47 -7.59 7.33
N TYR B 11 0.48 -7.15 6.08
CA TYR B 11 0.00 -7.99 4.98
C TYR B 11 0.99 -9.12 4.72
N LYS B 12 2.26 -8.83 4.95
CA LYS B 12 3.32 -9.82 4.78
C LYS B 12 4.23 -9.80 6.00
N LEU B 13 4.86 -10.94 6.27
CA LEU B 13 5.77 -11.06 7.41
C LEU B 13 6.99 -11.90 7.01
N VAL B 14 7.92 -12.06 7.94
CA VAL B 14 9.13 -12.84 7.68
C VAL B 14 8.88 -14.29 8.07
N GLY A 1 -17.87 9.30 -8.22
CA GLY A 1 -16.74 9.46 -9.17
C GLY A 1 -15.96 8.17 -9.32
N SER A 2 -14.81 8.24 -9.99
CA SER A 2 -13.97 7.07 -10.18
C SER A 2 -12.56 7.31 -9.64
N SER A 3 -12.33 8.51 -9.11
CA SER A 3 -11.04 8.86 -8.54
C SER A 3 -11.00 8.48 -7.07
N SER A 4 -9.85 8.02 -6.60
CA SER A 4 -9.71 7.56 -5.22
C SER A 4 -8.35 7.98 -4.65
N GLY A 5 -7.67 8.91 -5.31
CA GLY A 5 -6.34 9.30 -4.89
C GLY A 5 -5.29 8.27 -5.26
N LEU A 6 -5.44 7.08 -4.70
CA LEU A 6 -4.52 5.97 -4.97
C LEU A 6 -5.09 5.06 -6.04
N PRO A 7 -4.22 4.35 -6.79
CA PRO A 7 -4.65 3.41 -7.82
C PRO A 7 -5.52 2.27 -7.27
N PRO A 8 -6.48 1.78 -8.08
CA PRO A 8 -7.34 0.66 -7.68
C PRO A 8 -6.56 -0.55 -7.19
N GLY A 9 -6.93 -1.04 -6.01
CA GLY A 9 -6.23 -2.16 -5.43
C GLY A 9 -5.28 -1.73 -4.34
N TRP A 10 -4.98 -0.45 -4.27
CA TRP A 10 -4.10 0.08 -3.25
C TRP A 10 -4.89 0.52 -2.03
N GLU A 11 -4.46 0.06 -0.86
CA GLU A 11 -5.14 0.38 0.39
C GLU A 11 -4.31 1.36 1.22
N GLU A 12 -4.99 2.24 1.94
CA GLU A 12 -4.35 3.23 2.78
C GLU A 12 -4.32 2.71 4.22
N LYS A 13 -3.12 2.51 4.77
CA LYS A 13 -2.97 1.96 6.11
C LYS A 13 -1.77 2.56 6.82
N GLN A 14 -1.62 2.22 8.10
CA GLN A 14 -0.50 2.72 8.88
C GLN A 14 0.41 1.59 9.33
N ASP A 15 1.69 1.87 9.39
CA ASP A 15 2.67 0.94 9.94
C ASP A 15 2.52 0.88 11.45
N ASP A 16 3.05 -0.17 12.04
CA ASP A 16 3.21 -0.24 13.49
C ASP A 16 4.10 0.92 13.97
N ARG A 17 4.96 1.38 13.07
CA ARG A 17 5.87 2.48 13.36
C ARG A 17 5.16 3.83 13.23
N GLY A 18 3.91 3.81 12.80
CA GLY A 18 3.13 5.03 12.73
C GLY A 18 3.32 5.81 11.43
N ARG A 19 3.72 5.10 10.38
CA ARG A 19 3.86 5.73 9.08
C ARG A 19 2.64 5.40 8.23
N SER A 20 2.33 6.24 7.24
CA SER A 20 1.24 5.95 6.35
C SER A 20 1.74 5.22 5.11
N TYR A 21 1.40 3.95 4.99
CA TYR A 21 1.84 3.16 3.86
C TYR A 21 0.66 2.78 2.98
N TYR A 22 0.97 2.20 1.84
CA TYR A 22 -0.06 1.67 0.96
C TYR A 22 0.22 0.21 0.66
N VAL A 23 -0.78 -0.62 0.84
CA VAL A 23 -0.63 -2.03 0.56
C VAL A 23 -1.33 -2.41 -0.73
N ASP A 24 -0.56 -2.92 -1.66
CA ASP A 24 -1.08 -3.39 -2.93
C ASP A 24 -1.84 -4.70 -2.74
N HIS A 25 -3.11 -4.71 -3.09
CA HIS A 25 -3.91 -5.94 -2.96
C HIS A 25 -3.73 -6.85 -4.18
N ASN A 26 -3.08 -6.36 -5.22
CA ASN A 26 -2.85 -7.15 -6.43
C ASN A 26 -1.80 -8.21 -6.17
N SER A 27 -0.65 -7.78 -5.66
CA SER A 27 0.41 -8.71 -5.29
C SER A 27 0.35 -9.00 -3.79
N LYS A 28 -0.51 -8.27 -3.12
CA LYS A 28 -0.69 -8.36 -1.67
C LYS A 28 0.62 -8.10 -0.96
N THR A 29 1.02 -6.83 -0.98
CA THR A 29 2.31 -6.41 -0.48
C THR A 29 2.23 -5.00 0.10
N THR A 30 2.67 -4.86 1.35
CA THR A 30 2.70 -3.57 2.01
C THR A 30 4.00 -2.83 1.67
N THR A 31 3.86 -1.58 1.26
CA THR A 31 5.03 -0.77 0.92
C THR A 31 4.81 0.69 1.32
N TRP A 32 5.91 1.44 1.37
CA TRP A 32 5.88 2.85 1.73
C TRP A 32 5.05 3.69 0.77
N SER A 33 4.90 4.97 1.11
CA SER A 33 3.98 5.86 0.41
C SER A 33 4.27 5.93 -1.10
N LYS A 34 3.30 5.42 -1.87
CA LYS A 34 3.33 5.48 -3.32
C LYS A 34 2.47 6.64 -3.81
N PRO A 35 2.54 6.99 -5.11
CA PRO A 35 1.82 8.13 -5.70
C PRO A 35 0.37 8.23 -5.23
N THR A 36 -0.03 9.42 -4.84
CA THR A 36 -1.40 9.67 -4.42
C THR A 36 -1.89 11.00 -5.00
N MET A 37 -3.01 10.97 -5.70
CA MET A 37 -3.63 12.20 -6.18
C MET A 37 -4.36 12.86 -5.03
N GLN A 38 -4.38 14.18 -5.03
CA GLN A 38 -5.05 14.91 -3.96
C GLN A 38 -6.54 14.96 -4.21
N ASP A 39 -7.22 13.86 -3.90
CA ASP A 39 -8.66 13.80 -4.00
C ASP A 39 -9.27 13.92 -2.63
N ALA B 1 8.84 -2.96 -9.01
CA ALA B 1 7.51 -3.58 -9.12
C ALA B 1 6.99 -3.96 -7.73
N PRO B 2 5.68 -4.12 -7.58
CA PRO B 2 5.10 -4.60 -6.32
C PRO B 2 5.52 -6.05 -6.03
N LEU B 3 5.27 -6.49 -4.80
CA LEU B 3 5.57 -7.86 -4.35
C LEU B 3 7.06 -8.07 -4.05
N SEP B 4 7.91 -7.21 -4.59
CA SEP B 4 9.36 -7.37 -4.40
CB SEP B 4 10.16 -6.51 -5.38
OG SEP B 4 9.87 -6.88 -6.73
C SEP B 4 9.81 -7.05 -2.96
O SEP B 4 10.32 -7.93 -2.26
P SEP B 4 10.76 -5.94 -7.66
O1P SEP B 4 12.19 -6.14 -7.36
O2P SEP B 4 10.49 -6.27 -9.20
O3P SEP B 4 10.40 -4.40 -7.39
H SEP B 4 7.58 -6.47 -5.14
HA SEP B 4 9.59 -8.41 -4.59
HB2 SEP B 4 11.22 -6.65 -5.21
HB3 SEP B 4 9.92 -5.47 -5.24
N PRO B 5 9.65 -5.79 -2.47
CA PRO B 5 10.22 -5.36 -1.20
C PRO B 5 9.43 -5.85 0.02
N MET B 6 8.30 -5.20 0.28
CA MET B 6 7.50 -5.48 1.49
C MET B 6 8.38 -5.29 2.73
N SEP B 7 8.81 -4.05 2.95
CA SEP B 7 9.76 -3.74 4.01
CB SEP B 7 10.69 -2.63 3.54
OG SEP B 7 11.40 -3.08 2.38
C SEP B 7 9.08 -3.36 5.34
O SEP B 7 9.58 -3.73 6.40
P SEP B 7 12.37 -1.88 1.93
O1P SEP B 7 13.31 -1.58 3.03
O2P SEP B 7 13.20 -2.30 0.63
O3P SEP B 7 11.51 -0.56 1.61
H SEP B 7 8.49 -3.33 2.38
HA SEP B 7 10.34 -4.64 4.18
HB2 SEP B 7 11.41 -2.41 4.32
HB3 SEP B 7 10.13 -1.76 3.30
N PRO B 8 7.96 -2.59 5.32
CA PRO B 8 7.17 -2.31 6.52
C PRO B 8 6.94 -3.52 7.44
N PRO B 9 6.66 -3.24 8.73
CA PRO B 9 6.46 -4.24 9.79
C PRO B 9 5.88 -5.58 9.34
N GLY B 10 4.79 -5.56 8.59
CA GLY B 10 4.24 -6.82 8.12
C GLY B 10 2.89 -6.68 7.45
N TYR B 11 2.50 -7.75 6.76
CA TYR B 11 1.20 -7.85 6.10
C TYR B 11 0.98 -9.28 5.63
N LYS B 12 2.02 -9.84 5.01
CA LYS B 12 1.96 -11.18 4.43
C LYS B 12 1.59 -12.21 5.49
N LEU B 13 0.61 -13.05 5.18
CA LEU B 13 0.03 -13.97 6.14
C LEU B 13 0.81 -15.28 6.22
N VAL B 14 2.01 -15.28 5.66
CA VAL B 14 2.86 -16.46 5.66
C VAL B 14 4.16 -16.19 6.40
N GLY A 1 -8.15 18.80 0.30
CA GLY A 1 -9.61 18.80 0.53
C GLY A 1 -10.33 17.91 -0.47
N SER A 2 -11.63 17.74 -0.28
CA SER A 2 -12.45 16.89 -1.15
C SER A 2 -12.01 15.43 -1.05
N SER A 3 -11.40 15.09 0.08
CA SER A 3 -10.92 13.72 0.35
C SER A 3 -9.77 13.36 -0.58
N SER A 4 -9.46 12.07 -0.65
CA SER A 4 -8.41 11.56 -1.52
C SER A 4 -8.78 10.15 -1.97
N GLY A 5 -8.14 9.68 -3.04
CA GLY A 5 -8.48 8.39 -3.56
C GLY A 5 -7.25 7.56 -3.88
N LEU A 6 -7.43 6.25 -3.84
CA LEU A 6 -6.36 5.33 -4.19
C LEU A 6 -6.69 4.59 -5.49
N PRO A 7 -5.69 3.97 -6.14
CA PRO A 7 -5.91 3.17 -7.34
C PRO A 7 -6.74 1.93 -7.05
N PRO A 8 -7.51 1.45 -8.04
CA PRO A 8 -8.31 0.23 -7.90
C PRO A 8 -7.45 -0.99 -7.54
N GLY A 9 -7.74 -1.57 -6.39
CA GLY A 9 -6.96 -2.70 -5.91
C GLY A 9 -6.00 -2.31 -4.82
N TRP A 10 -6.15 -1.09 -4.31
CA TRP A 10 -5.35 -0.63 -3.18
C TRP A 10 -6.20 -0.48 -1.93
N GLU A 11 -5.67 -0.89 -0.79
CA GLU A 11 -6.31 -0.66 0.51
C GLU A 11 -5.40 0.19 1.38
N GLU A 12 -5.97 1.05 2.21
CA GLU A 12 -5.19 1.77 3.20
C GLU A 12 -5.50 1.27 4.60
N LYS A 13 -4.46 0.81 5.29
CA LYS A 13 -4.57 0.41 6.68
C LYS A 13 -3.38 0.97 7.45
N GLN A 14 -3.14 0.48 8.66
CA GLN A 14 -2.04 1.00 9.47
C GLN A 14 -0.95 -0.06 9.64
N ASP A 15 0.31 0.37 9.70
CA ASP A 15 1.41 -0.54 9.97
C ASP A 15 1.54 -0.75 11.48
N ASP A 16 2.68 -1.25 11.90
CA ASP A 16 2.93 -1.51 13.32
C ASP A 16 3.01 -0.21 14.11
N ARG A 17 3.45 0.85 13.44
CA ARG A 17 3.65 2.14 14.10
C ARG A 17 2.41 3.03 14.00
N GLY A 18 1.36 2.51 13.36
CA GLY A 18 0.12 3.24 13.28
C GLY A 18 0.09 4.24 12.13
N ARG A 19 0.89 3.99 11.11
CA ARG A 19 0.91 4.85 9.93
C ARG A 19 -0.04 4.28 8.89
N SER A 20 -0.84 5.15 8.28
CA SER A 20 -1.73 4.72 7.24
C SER A 20 -0.93 4.49 5.97
N TYR A 21 -0.75 3.24 5.60
CA TYR A 21 0.03 2.88 4.44
C TYR A 21 -0.83 2.09 3.46
N TYR A 22 -0.33 1.89 2.25
CA TYR A 22 -1.15 1.30 1.20
C TYR A 22 -0.65 -0.08 0.82
N VAL A 23 -1.58 -0.96 0.49
CA VAL A 23 -1.24 -2.30 0.06
C VAL A 23 -1.99 -2.66 -1.22
N ASP A 24 -1.26 -3.22 -2.18
CA ASP A 24 -1.83 -3.62 -3.45
C ASP A 24 -2.32 -5.06 -3.40
N HIS A 25 -3.52 -5.32 -3.91
CA HIS A 25 -4.10 -6.66 -3.92
C HIS A 25 -3.43 -7.55 -4.96
N ASN A 26 -2.85 -6.93 -5.98
CA ASN A 26 -2.28 -7.67 -7.10
C ASN A 26 -0.94 -8.30 -6.76
N SER A 27 -0.02 -7.48 -6.27
CA SER A 27 1.35 -7.91 -6.03
C SER A 27 1.57 -8.23 -4.55
N LYS A 28 0.50 -8.17 -3.75
CA LYS A 28 0.55 -8.48 -2.32
C LYS A 28 1.56 -7.58 -1.61
N THR A 29 1.91 -6.48 -2.23
CA THR A 29 2.98 -5.64 -1.74
C THR A 29 2.43 -4.45 -0.95
N THR A 30 2.89 -4.32 0.28
CA THR A 30 2.51 -3.20 1.12
C THR A 30 3.66 -2.20 1.19
N THR A 31 3.40 -0.96 0.78
CA THR A 31 4.44 0.06 0.78
C THR A 31 3.82 1.41 1.08
N TRP A 32 4.65 2.37 1.46
CA TRP A 32 4.14 3.70 1.75
C TRP A 32 4.31 4.58 0.52
N SER A 33 3.24 4.74 -0.23
CA SER A 33 3.27 5.57 -1.42
C SER A 33 2.07 6.50 -1.44
N LYS A 34 2.29 7.76 -1.77
CA LYS A 34 1.20 8.70 -1.91
C LYS A 34 0.86 8.87 -3.39
N PRO A 35 -0.24 8.26 -3.84
CA PRO A 35 -0.63 8.26 -5.26
C PRO A 35 -0.89 9.65 -5.82
N THR A 36 -0.21 9.97 -6.91
CA THR A 36 -0.36 11.27 -7.55
C THR A 36 -0.37 11.13 -9.07
N MET A 37 -0.54 12.26 -9.76
CA MET A 37 -0.48 12.33 -11.23
C MET A 37 -1.64 11.60 -11.90
N GLN A 38 -1.64 11.65 -13.22
CA GLN A 38 -2.58 10.89 -14.03
C GLN A 38 -1.82 9.80 -14.75
N ASP A 39 -1.96 8.56 -14.30
CA ASP A 39 -1.18 7.46 -14.86
C ASP A 39 -1.91 6.83 -16.03
N ALA B 1 7.14 -5.49 -10.09
CA ALA B 1 7.54 -6.89 -9.78
C ALA B 1 6.32 -7.69 -9.35
N PRO B 2 6.37 -9.04 -9.46
CA PRO B 2 5.27 -9.91 -9.02
C PRO B 2 5.01 -9.75 -7.53
N LEU B 3 6.09 -9.75 -6.76
CA LEU B 3 6.03 -9.48 -5.34
C LEU B 3 7.24 -8.62 -4.98
N SEP B 4 7.00 -7.37 -4.61
CA SEP B 4 8.09 -6.44 -4.34
CB SEP B 4 7.69 -5.03 -4.80
OG SEP B 4 7.41 -5.06 -6.20
C SEP B 4 8.49 -6.45 -2.88
O SEP B 4 7.66 -6.67 -1.99
P SEP B 4 7.00 -3.58 -6.64
O1P SEP B 4 8.12 -2.64 -6.34
O2P SEP B 4 6.69 -3.56 -8.22
O3P SEP B 4 5.70 -3.10 -5.84
H SEP B 4 6.07 -7.08 -4.50
HA SEP B 4 8.93 -6.76 -4.93
HB2 SEP B 4 8.50 -4.35 -4.61
HB3 SEP B 4 6.80 -4.71 -4.26
N PRO B 5 9.80 -6.26 -2.60
CA PRO B 5 10.33 -6.22 -1.25
C PRO B 5 9.62 -5.18 -0.39
N MET B 6 9.11 -5.62 0.74
CA MET B 6 8.34 -4.75 1.62
C MET B 6 9.24 -4.08 2.64
N SEP B 7 8.79 -2.95 3.16
CA SEP B 7 9.54 -2.21 4.15
CB SEP B 7 9.92 -0.84 3.61
OG SEP B 7 10.74 -1.04 2.44
C SEP B 7 8.79 -2.14 5.48
O SEP B 7 9.37 -2.45 6.52
P SEP B 7 11.13 0.40 1.88
O1P SEP B 7 11.86 1.18 2.90
O2P SEP B 7 12.05 0.23 0.57
O3P SEP B 7 9.79 1.19 1.47
H SEP B 7 7.93 -2.61 2.84
HA SEP B 7 10.45 -2.77 4.34
HB2 SEP B 7 10.50 -0.30 4.35
HB3 SEP B 7 9.04 -0.29 3.34
N PRO B 8 7.49 -1.74 5.51
CA PRO B 8 6.71 -1.85 6.74
C PRO B 8 6.09 -3.23 6.91
N PRO B 9 5.75 -3.60 8.15
CA PRO B 9 5.04 -4.86 8.46
C PRO B 9 3.67 -4.91 7.78
N GLY B 10 3.46 -5.91 6.94
CA GLY B 10 2.20 -6.00 6.23
C GLY B 10 1.91 -7.38 5.69
N TYR B 11 1.83 -7.50 4.36
CA TYR B 11 1.48 -8.75 3.70
C TYR B 11 2.71 -9.65 3.47
N LYS B 12 3.72 -9.48 4.32
CA LYS B 12 4.96 -10.24 4.18
C LYS B 12 4.80 -11.60 4.88
N LEU B 13 5.16 -12.66 4.14
CA LEU B 13 5.12 -14.04 4.64
C LEU B 13 3.71 -14.62 4.58
N VAL B 14 3.62 -15.82 4.00
CA VAL B 14 2.35 -16.54 3.82
C VAL B 14 1.40 -15.73 2.93
N GLY A 1 -2.68 14.01 0.79
CA GLY A 1 -3.94 13.56 1.42
C GLY A 1 -4.27 12.13 1.06
N SER A 2 -5.34 11.60 1.63
CA SER A 2 -5.76 10.24 1.39
C SER A 2 -6.43 10.11 0.02
N SER A 3 -7.27 11.10 -0.30
CA SER A 3 -8.04 11.16 -1.54
C SER A 3 -9.00 9.97 -1.70
N SER A 4 -10.14 10.23 -2.32
CA SER A 4 -11.14 9.21 -2.55
C SER A 4 -10.83 8.41 -3.83
N GLY A 5 -9.63 8.64 -4.37
CA GLY A 5 -9.23 7.97 -5.59
C GLY A 5 -8.12 6.97 -5.34
N LEU A 6 -8.49 5.70 -5.25
CA LEU A 6 -7.53 4.63 -5.04
C LEU A 6 -7.29 3.88 -6.34
N PRO A 7 -6.02 3.57 -6.66
CA PRO A 7 -5.69 2.73 -7.82
C PRO A 7 -6.35 1.36 -7.70
N PRO A 8 -6.64 0.71 -8.84
CA PRO A 8 -7.34 -0.57 -8.88
C PRO A 8 -6.68 -1.64 -8.01
N GLY A 9 -7.37 -2.05 -6.95
CA GLY A 9 -6.88 -3.10 -6.10
C GLY A 9 -6.30 -2.62 -4.78
N TRP A 10 -6.38 -1.31 -4.53
CA TRP A 10 -5.85 -0.75 -3.29
C TRP A 10 -6.93 -0.65 -2.20
N GLU A 11 -6.59 -1.09 -1.00
CA GLU A 11 -7.45 -0.89 0.16
C GLU A 11 -6.68 -0.26 1.31
N GLU A 12 -7.38 0.08 2.39
CA GLU A 12 -6.80 0.87 3.47
C GLU A 12 -6.54 0.02 4.69
N LYS A 13 -5.36 0.22 5.29
CA LYS A 13 -4.97 -0.55 6.47
C LYS A 13 -3.80 0.17 7.16
N GLN A 14 -3.16 -0.49 8.12
CA GLN A 14 -2.02 0.08 8.82
C GLN A 14 -0.89 -0.93 8.95
N ASP A 15 0.35 -0.44 8.99
CA ASP A 15 1.49 -1.32 9.17
C ASP A 15 1.65 -1.62 10.66
N ASP A 16 2.79 -2.18 11.04
CA ASP A 16 3.02 -2.57 12.43
C ASP A 16 3.73 -1.48 13.23
N ARG A 17 4.07 -0.38 12.57
CA ARG A 17 4.59 0.79 13.27
C ARG A 17 3.43 1.71 13.64
N GLY A 18 2.44 1.80 12.77
CA GLY A 18 1.26 2.59 13.07
C GLY A 18 0.93 3.60 11.99
N ARG A 19 1.35 3.32 10.76
CA ARG A 19 1.08 4.18 9.62
C ARG A 19 -0.09 3.65 8.80
N SER A 20 -1.06 4.51 8.54
CA SER A 20 -2.19 4.17 7.70
C SER A 20 -1.75 4.15 6.24
N TYR A 21 -1.67 2.97 5.67
CA TYR A 21 -1.20 2.80 4.30
C TYR A 21 -2.24 2.09 3.45
N TYR A 22 -1.85 1.71 2.25
CA TYR A 22 -2.75 1.00 1.35
C TYR A 22 -2.11 -0.29 0.87
N VAL A 23 -2.95 -1.28 0.61
CA VAL A 23 -2.49 -2.61 0.29
C VAL A 23 -2.98 -3.05 -1.10
N ASP A 24 -2.09 -3.68 -1.87
CA ASP A 24 -2.40 -4.14 -3.22
C ASP A 24 -3.00 -5.53 -3.19
N HIS A 25 -4.17 -5.71 -3.76
CA HIS A 25 -4.73 -7.05 -3.92
C HIS A 25 -4.14 -7.72 -5.14
N ASN A 26 -3.51 -6.92 -6.00
CA ASN A 26 -2.95 -7.40 -7.26
C ASN A 26 -1.79 -8.35 -7.00
N SER A 27 -0.81 -7.87 -6.25
CA SER A 27 0.39 -8.63 -6.00
C SER A 27 0.44 -9.11 -4.55
N LYS A 28 -0.66 -8.90 -3.83
CA LYS A 28 -0.79 -9.29 -2.42
C LYS A 28 0.29 -8.58 -1.59
N THR A 29 0.69 -7.42 -2.04
CA THR A 29 1.69 -6.63 -1.37
C THR A 29 1.05 -5.47 -0.65
N THR A 30 1.83 -4.67 0.04
CA THR A 30 1.33 -3.48 0.68
C THR A 30 2.34 -2.36 0.50
N THR A 31 1.84 -1.17 0.22
CA THR A 31 2.70 -0.05 -0.05
C THR A 31 2.43 1.06 0.96
N TRP A 32 3.11 2.18 0.79
CA TRP A 32 2.97 3.34 1.65
C TRP A 32 1.65 4.06 1.38
N SER A 33 1.36 5.06 2.20
CA SER A 33 0.15 5.86 2.05
C SER A 33 0.09 6.50 0.67
N LYS A 34 -1.12 6.78 0.19
CA LYS A 34 -1.39 7.18 -1.20
C LYS A 34 -0.30 8.02 -1.83
N PRO A 35 0.11 7.65 -3.06
CA PRO A 35 1.05 8.43 -3.86
C PRO A 35 0.57 9.88 -3.97
N THR A 36 1.44 10.79 -3.57
CA THR A 36 1.12 12.22 -3.59
C THR A 36 2.29 12.99 -4.18
N MET A 37 2.58 12.70 -5.44
CA MET A 37 3.70 13.29 -6.14
C MET A 37 3.19 14.05 -7.35
N GLN A 38 4.08 14.59 -8.17
CA GLN A 38 3.67 15.26 -9.39
C GLN A 38 3.41 14.23 -10.49
N ASP A 39 2.19 13.70 -10.48
CA ASP A 39 1.80 12.64 -11.39
C ASP A 39 0.28 12.61 -11.53
N ALA B 1 10.10 -10.55 -8.31
CA ALA B 1 8.81 -11.16 -8.72
C ALA B 1 7.64 -10.39 -8.13
N PRO B 2 6.60 -10.09 -8.94
CA PRO B 2 5.40 -9.39 -8.47
C PRO B 2 4.61 -10.21 -7.46
N LEU B 3 4.99 -10.08 -6.20
CA LEU B 3 4.44 -10.86 -5.10
C LEU B 3 5.21 -10.49 -3.84
N SEP B 4 6.49 -10.20 -4.05
CA SEP B 4 7.38 -9.81 -2.99
CB SEP B 4 8.82 -10.00 -3.48
OG SEP B 4 8.98 -11.39 -3.81
C SEP B 4 7.10 -8.37 -2.56
O SEP B 4 6.69 -7.54 -3.38
P SEP B 4 10.47 -11.59 -4.34
O1P SEP B 4 11.45 -11.20 -3.31
O2P SEP B 4 10.68 -13.14 -4.72
O3P SEP B 4 10.71 -10.70 -5.67
H SEP B 4 6.84 -10.25 -4.96
HA SEP B 4 7.21 -10.47 -2.15
HB2 SEP B 4 9.52 -9.74 -2.70
HB3 SEP B 4 8.99 -9.39 -4.35
N PRO B 5 7.31 -8.05 -1.27
CA PRO B 5 6.86 -6.78 -0.66
C PRO B 5 7.53 -5.53 -1.22
N MET B 6 7.09 -4.38 -0.70
CA MET B 6 7.63 -3.08 -1.12
C MET B 6 8.56 -2.53 -0.06
N SEP B 7 8.00 -1.97 1.00
CA SEP B 7 8.80 -1.44 2.09
CB SEP B 7 9.10 0.05 1.91
OG SEP B 7 9.83 0.27 0.70
C SEP B 7 8.15 -1.68 3.46
O SEP B 7 8.74 -2.32 4.32
P SEP B 7 10.11 1.85 0.60
O1P SEP B 7 10.90 2.29 1.76
O2P SEP B 7 10.92 2.18 -0.75
O3P SEP B 7 8.71 2.65 0.58
H SEP B 7 7.02 -1.91 1.04
HA SEP B 7 9.73 -1.98 2.09
HB2 SEP B 7 9.69 0.41 2.74
HB3 SEP B 7 8.18 0.61 1.87
N PRO B 8 6.91 -1.16 3.70
CA PRO B 8 6.28 -1.28 5.02
C PRO B 8 5.72 -2.68 5.28
N PRO B 9 5.74 -3.10 6.56
CA PRO B 9 5.28 -4.42 6.99
C PRO B 9 3.75 -4.53 7.11
N GLY B 10 3.29 -5.60 7.74
CA GLY B 10 1.87 -5.78 7.94
C GLY B 10 1.31 -6.89 7.07
N TYR B 11 1.11 -6.59 5.79
CA TYR B 11 0.58 -7.58 4.86
C TYR B 11 1.72 -8.48 4.36
N LYS B 12 2.93 -7.96 4.47
CA LYS B 12 4.13 -8.68 4.05
C LYS B 12 5.27 -8.33 4.99
N LEU B 13 6.37 -9.07 4.91
CA LEU B 13 7.51 -8.85 5.80
C LEU B 13 8.58 -8.00 5.12
N VAL B 14 9.49 -7.47 5.94
CA VAL B 14 10.52 -6.57 5.45
C VAL B 14 11.76 -7.33 4.99
N GLY A 1 -10.61 5.70 -3.52
CA GLY A 1 -10.43 5.55 -2.06
C GLY A 1 -11.35 6.45 -1.26
N SER A 2 -12.62 6.50 -1.67
CA SER A 2 -13.66 7.28 -0.99
C SER A 2 -13.32 8.78 -0.95
N SER A 3 -12.68 9.21 0.12
CA SER A 3 -12.34 10.62 0.30
C SER A 3 -10.94 10.92 -0.22
N SER A 4 -10.11 9.89 -0.32
CA SER A 4 -8.75 10.04 -0.79
C SER A 4 -8.62 9.50 -2.21
N GLY A 5 -7.73 10.12 -2.99
CA GLY A 5 -7.53 9.73 -4.36
C GLY A 5 -6.60 8.54 -4.49
N LEU A 6 -7.06 7.39 -4.03
CA LEU A 6 -6.27 6.18 -4.09
C LEU A 6 -6.36 5.55 -5.48
N PRO A 7 -5.21 5.17 -6.06
CA PRO A 7 -5.17 4.46 -7.34
C PRO A 7 -5.78 3.06 -7.24
N PRO A 8 -6.11 2.45 -8.39
CA PRO A 8 -6.72 1.11 -8.43
C PRO A 8 -5.89 0.06 -7.70
N GLY A 9 -6.43 -0.45 -6.60
CA GLY A 9 -5.79 -1.52 -5.87
C GLY A 9 -5.06 -1.06 -4.63
N TRP A 10 -5.10 0.24 -4.35
CA TRP A 10 -4.39 0.80 -3.20
C TRP A 10 -5.32 0.98 -2.02
N GLU A 11 -5.00 0.32 -0.92
CA GLU A 11 -5.73 0.46 0.33
C GLU A 11 -4.83 1.11 1.38
N GLU A 12 -5.38 1.99 2.19
CA GLU A 12 -4.60 2.65 3.25
C GLU A 12 -4.82 1.94 4.57
N LYS A 13 -3.74 1.43 5.16
CA LYS A 13 -3.82 0.76 6.45
C LYS A 13 -2.64 1.16 7.32
N GLN A 14 -2.42 0.45 8.41
CA GLN A 14 -1.38 0.83 9.36
C GLN A 14 -0.60 -0.39 9.81
N ASP A 15 0.70 -0.22 10.05
CA ASP A 15 1.52 -1.30 10.59
C ASP A 15 1.32 -1.35 12.11
N ASP A 16 2.08 -2.20 12.80
CA ASP A 16 1.87 -2.44 14.23
C ASP A 16 2.19 -1.19 15.07
N ARG A 17 3.01 -0.30 14.53
CA ARG A 17 3.39 0.93 15.23
C ARG A 17 2.29 1.97 15.09
N GLY A 18 1.39 1.76 14.14
CA GLY A 18 0.31 2.69 13.90
C GLY A 18 0.66 3.71 12.83
N ARG A 19 1.51 3.31 11.90
CA ARG A 19 1.92 4.18 10.80
C ARG A 19 1.14 3.83 9.55
N SER A 20 0.58 4.84 8.89
CA SER A 20 -0.23 4.62 7.70
C SER A 20 0.63 4.25 6.50
N TYR A 21 0.44 3.04 6.00
CA TYR A 21 1.11 2.60 4.79
C TYR A 21 0.08 2.31 3.71
N TYR A 22 0.56 1.97 2.53
CA TYR A 22 -0.33 1.58 1.45
C TYR A 22 -0.15 0.11 1.14
N VAL A 23 -1.24 -0.57 0.84
CA VAL A 23 -1.18 -1.96 0.42
C VAL A 23 -1.70 -2.09 -1.00
N ASP A 24 -0.81 -2.47 -1.89
CA ASP A 24 -1.15 -2.61 -3.29
C ASP A 24 -1.63 -4.03 -3.58
N HIS A 25 -2.93 -4.15 -3.83
CA HIS A 25 -3.55 -5.45 -4.07
C HIS A 25 -3.20 -5.95 -5.47
N ASN A 26 -2.62 -5.09 -6.28
CA ASN A 26 -2.27 -5.46 -7.65
C ASN A 26 -1.09 -6.42 -7.68
N SER A 27 0.00 -6.04 -7.03
CA SER A 27 1.18 -6.89 -6.95
C SER A 27 1.07 -7.85 -5.77
N LYS A 28 0.18 -7.51 -4.83
CA LYS A 28 -0.04 -8.28 -3.59
C LYS A 28 1.08 -7.93 -2.59
N THR A 29 1.53 -6.69 -2.66
CA THR A 29 2.60 -6.20 -1.79
C THR A 29 2.07 -5.14 -0.84
N THR A 30 2.90 -4.74 0.11
CA THR A 30 2.55 -3.65 1.00
C THR A 30 3.79 -2.82 1.37
N THR A 31 3.72 -1.52 1.16
CA THR A 31 4.76 -0.61 1.58
C THR A 31 4.19 0.79 1.70
N TRP A 32 4.82 1.66 2.46
CA TRP A 32 4.42 3.05 2.40
C TRP A 32 4.98 3.61 1.10
N SER A 33 4.11 3.79 0.15
CA SER A 33 4.52 4.25 -1.16
C SER A 33 3.62 5.39 -1.60
N LYS A 34 4.24 6.46 -2.04
CA LYS A 34 3.50 7.60 -2.53
C LYS A 34 2.70 7.21 -3.78
N PRO A 35 1.45 7.64 -3.84
CA PRO A 35 0.54 7.29 -4.94
C PRO A 35 0.76 8.14 -6.19
N THR A 36 0.17 7.72 -7.29
CA THR A 36 0.24 8.47 -8.52
C THR A 36 -1.02 9.30 -8.71
N MET A 37 -1.03 10.17 -9.71
CA MET A 37 -2.19 11.01 -9.98
C MET A 37 -2.62 10.84 -11.43
N GLN A 38 -3.61 9.98 -11.65
CA GLN A 38 -4.07 9.68 -12.99
C GLN A 38 -5.06 10.74 -13.47
N ASP A 39 -4.54 11.74 -14.15
CA ASP A 39 -5.38 12.78 -14.74
C ASP A 39 -5.11 12.87 -16.24
N ALA B 1 4.22 -9.00 -12.88
CA ALA B 1 4.22 -8.39 -11.52
C ALA B 1 5.50 -8.75 -10.79
N PRO B 2 6.32 -7.74 -10.46
CA PRO B 2 7.61 -7.94 -9.78
C PRO B 2 7.48 -8.21 -8.28
N LEU B 3 6.55 -7.52 -7.62
CA LEU B 3 6.41 -7.57 -6.15
C LEU B 3 7.72 -7.11 -5.50
N SEP B 4 7.81 -5.82 -5.22
CA SEP B 4 9.04 -5.23 -4.69
CB SEP B 4 9.10 -3.78 -5.15
OG SEP B 4 9.11 -3.75 -6.57
C SEP B 4 9.12 -5.37 -3.16
O SEP B 4 8.16 -5.84 -2.54
P SEP B 4 9.18 -2.20 -7.01
O1P SEP B 4 10.41 -1.61 -6.47
O2P SEP B 4 9.17 -2.09 -8.61
O3P SEP B 4 7.91 -1.41 -6.43
H SEP B 4 7.03 -5.25 -5.36
HA SEP B 4 9.87 -5.77 -5.13
HB2 SEP B 4 10.02 -3.32 -4.79
HB3 SEP B 4 8.26 -3.24 -4.77
N PRO B 5 10.29 -5.02 -2.56
CA PRO B 5 10.53 -5.09 -1.11
C PRO B 5 9.29 -4.83 -0.25
N MET B 6 8.99 -5.78 0.61
CA MET B 6 7.86 -5.67 1.52
C MET B 6 8.37 -5.27 2.90
N SEP B 7 8.10 -4.03 3.28
CA SEP B 7 8.76 -3.44 4.42
CB SEP B 7 9.16 -2.01 4.07
OG SEP B 7 10.04 -2.05 2.94
C SEP B 7 7.93 -3.52 5.72
O SEP B 7 8.41 -4.09 6.70
P SEP B 7 10.44 -0.55 2.58
O1P SEP B 7 11.13 0.09 3.73
O2P SEP B 7 11.44 -0.54 1.32
O3P SEP B 7 9.12 0.29 2.22
H SEP B 7 7.45 -3.51 2.76
HA SEP B 7 9.67 -4.00 4.57
HB2 SEP B 7 9.68 -1.56 4.91
HB3 SEP B 7 8.27 -1.43 3.82
N PRO B 8 6.71 -2.95 5.78
CA PRO B 8 5.91 -2.99 7.01
C PRO B 8 5.13 -4.30 7.17
N PRO B 9 4.92 -4.72 8.43
CA PRO B 9 4.09 -5.89 8.74
C PRO B 9 2.61 -5.61 8.49
N GLY B 10 2.07 -6.21 7.43
CA GLY B 10 0.69 -5.96 7.10
C GLY B 10 0.07 -7.02 6.21
N TYR B 11 0.29 -6.88 4.90
CA TYR B 11 -0.38 -7.74 3.92
C TYR B 11 0.15 -9.17 3.96
N LYS B 12 1.35 -9.33 4.50
CA LYS B 12 1.95 -10.65 4.62
C LYS B 12 2.46 -10.90 6.03
N LEU B 13 2.10 -12.05 6.59
CA LEU B 13 2.53 -12.43 7.91
C LEU B 13 3.79 -13.29 7.80
N VAL B 14 4.93 -12.68 8.03
CA VAL B 14 6.21 -13.37 7.92
C VAL B 14 6.48 -14.21 9.17
N GLY A 1 -19.94 11.98 -2.93
CA GLY A 1 -18.72 11.51 -2.21
C GLY A 1 -18.43 10.05 -2.48
N SER A 2 -17.15 9.70 -2.47
CA SER A 2 -16.72 8.32 -2.70
C SER A 2 -15.52 7.98 -1.82
N SER A 3 -14.81 9.01 -1.36
CA SER A 3 -13.64 8.83 -0.51
C SER A 3 -12.57 7.99 -1.20
N SER A 4 -11.84 8.61 -2.12
CA SER A 4 -10.83 7.90 -2.88
C SER A 4 -9.52 8.70 -2.92
N GLY A 5 -8.66 8.46 -1.95
CA GLY A 5 -7.38 9.14 -1.91
C GLY A 5 -6.27 8.29 -2.50
N LEU A 6 -6.55 6.99 -2.67
CA LEU A 6 -5.59 6.06 -3.23
C LEU A 6 -6.07 5.55 -4.58
N PRO A 7 -5.15 5.03 -5.43
CA PRO A 7 -5.49 4.48 -6.73
C PRO A 7 -6.17 3.13 -6.61
N PRO A 8 -6.99 2.76 -7.61
CA PRO A 8 -7.64 1.45 -7.66
C PRO A 8 -6.63 0.31 -7.61
N GLY A 9 -6.78 -0.56 -6.60
CA GLY A 9 -5.85 -1.65 -6.41
C GLY A 9 -4.89 -1.39 -5.27
N TRP A 10 -5.02 -0.25 -4.62
CA TRP A 10 -4.21 0.08 -3.45
C TRP A 10 -5.06 0.04 -2.18
N GLU A 11 -4.43 -0.31 -1.06
CA GLU A 11 -5.14 -0.44 0.21
C GLU A 11 -4.40 0.31 1.33
N GLU A 12 -5.18 0.88 2.26
CA GLU A 12 -4.60 1.55 3.43
C GLU A 12 -4.45 0.55 4.58
N LYS A 13 -3.22 0.35 5.04
CA LYS A 13 -2.97 -0.51 6.20
C LYS A 13 -1.75 -0.01 6.97
N GLN A 14 -1.69 -0.32 8.25
CA GLN A 14 -0.60 0.13 9.10
C GLN A 14 0.46 -0.96 9.25
N ASP A 15 1.69 -0.56 9.55
CA ASP A 15 2.78 -1.50 9.75
C ASP A 15 2.88 -1.89 11.22
N ASP A 16 4.03 -2.45 11.60
CA ASP A 16 4.28 -2.88 12.97
C ASP A 16 4.37 -1.69 13.92
N ARG A 17 4.90 -0.57 13.42
CA ARG A 17 5.12 0.61 14.25
C ARG A 17 3.94 1.58 14.21
N GLY A 18 3.15 1.51 13.15
CA GLY A 18 1.92 2.30 13.10
C GLY A 18 1.94 3.38 12.04
N ARG A 19 2.67 3.15 10.97
CA ARG A 19 2.64 4.06 9.84
C ARG A 19 1.65 3.58 8.81
N SER A 20 0.68 4.42 8.47
CA SER A 20 -0.29 4.08 7.46
C SER A 20 0.39 4.04 6.10
N TYR A 21 0.56 2.84 5.56
CA TYR A 21 1.17 2.67 4.27
C TYR A 21 0.12 2.19 3.29
N TYR A 22 0.54 2.01 2.04
CA TYR A 22 -0.36 1.50 1.03
C TYR A 22 0.17 0.16 0.53
N VAL A 23 -0.73 -0.76 0.30
CA VAL A 23 -0.35 -2.08 -0.16
C VAL A 23 -0.96 -2.38 -1.53
N ASP A 24 -0.14 -2.88 -2.43
CA ASP A 24 -0.57 -3.22 -3.78
C ASP A 24 -1.20 -4.61 -3.81
N HIS A 25 -2.40 -4.68 -4.39
CA HIS A 25 -3.14 -5.94 -4.45
C HIS A 25 -2.71 -6.82 -5.62
N ASN A 26 -1.89 -6.28 -6.53
CA ASN A 26 -1.57 -6.98 -7.76
C ASN A 26 -0.46 -8.02 -7.55
N SER A 27 0.66 -7.59 -6.98
CA SER A 27 1.75 -8.51 -6.69
C SER A 27 1.85 -8.76 -5.20
N LYS A 28 0.99 -8.07 -4.46
CA LYS A 28 0.83 -8.27 -3.02
C LYS A 28 2.08 -7.84 -2.28
N THR A 29 2.23 -6.53 -2.11
CA THR A 29 3.43 -5.97 -1.53
C THR A 29 3.12 -4.75 -0.68
N THR A 30 3.94 -4.56 0.34
CA THR A 30 3.81 -3.40 1.21
C THR A 30 4.77 -2.30 0.74
N THR A 31 4.27 -1.07 0.59
CA THR A 31 5.12 0.02 0.14
C THR A 31 4.60 1.36 0.66
N TRP A 32 5.50 2.20 1.15
CA TRP A 32 5.10 3.54 1.51
C TRP A 32 5.64 4.49 0.46
N SER A 33 4.84 4.73 -0.56
CA SER A 33 5.15 5.70 -1.58
C SER A 33 3.91 6.49 -1.91
N LYS A 34 4.05 7.74 -2.28
CA LYS A 34 2.94 8.49 -2.80
C LYS A 34 2.95 8.43 -4.32
N PRO A 35 1.88 7.91 -4.93
CA PRO A 35 1.77 7.82 -6.38
C PRO A 35 1.97 9.17 -7.05
N THR A 36 2.88 9.23 -8.00
CA THR A 36 3.25 10.49 -8.61
C THR A 36 2.41 10.78 -9.85
N MET A 37 1.12 11.01 -9.62
CA MET A 37 0.17 11.44 -10.66
C MET A 37 -1.24 11.49 -10.08
N GLN A 38 -1.87 12.65 -10.18
CA GLN A 38 -3.24 12.81 -9.72
C GLN A 38 -4.19 12.83 -10.91
N ASP A 39 -5.25 12.02 -10.82
CA ASP A 39 -6.26 11.97 -11.86
C ASP A 39 -7.44 12.86 -11.51
N ALA B 1 4.73 -15.17 -4.13
CA ALA B 1 5.09 -14.07 -5.05
C ALA B 1 4.89 -12.72 -4.39
N PRO B 2 5.97 -11.95 -4.22
CA PRO B 2 5.90 -10.56 -3.81
C PRO B 2 5.99 -9.64 -5.02
N LEU B 3 6.36 -8.39 -4.80
CA LEU B 3 6.62 -7.52 -5.93
C LEU B 3 8.12 -7.35 -6.10
N SEP B 4 8.66 -6.26 -5.56
CA SEP B 4 10.10 -5.99 -5.60
CB SEP B 4 10.52 -5.45 -6.98
OG SEP B 4 10.20 -6.40 -7.99
C SEP B 4 10.53 -5.03 -4.49
O SEP B 4 11.44 -5.35 -3.74
P SEP B 4 10.67 -5.78 -9.39
O1P SEP B 4 12.12 -5.51 -9.37
O2P SEP B 4 10.34 -6.81 -10.58
O3P SEP B 4 9.88 -4.41 -9.66
H SEP B 4 8.08 -5.61 -5.12
HA SEP B 4 10.59 -6.94 -5.44
HB2 SEP B 4 11.58 -5.27 -6.97
HB3 SEP B 4 9.99 -4.52 -7.17
N PRO B 5 9.89 -3.84 -4.37
CA PRO B 5 10.28 -2.84 -3.34
C PRO B 5 10.19 -3.38 -1.91
N MET B 6 8.96 -3.48 -1.40
CA MET B 6 8.72 -3.88 0.00
C MET B 6 9.52 -3.00 0.95
N SEP B 7 8.93 -1.88 1.32
CA SEP B 7 9.64 -0.86 2.08
CB SEP B 7 9.35 0.52 1.48
OG SEP B 7 9.78 0.52 0.12
C SEP B 7 9.33 -0.91 3.58
O SEP B 7 10.24 -0.89 4.40
P SEP B 7 9.44 1.96 -0.49
O1P SEP B 7 10.15 3.00 0.29
O2P SEP B 7 9.90 2.02 -2.02
O3P SEP B 7 7.86 2.21 -0.39
H SEP B 7 8.00 -1.72 1.07
HA SEP B 7 10.71 -1.05 1.96
HB2 SEP B 7 9.87 1.29 2.02
HB3 SEP B 7 8.27 0.71 1.51
N PRO B 8 8.03 -0.94 3.99
CA PRO B 8 7.66 -1.17 5.40
C PRO B 8 8.16 -2.52 5.90
N PRO B 9 8.10 -2.77 7.23
CA PRO B 9 8.67 -3.98 7.86
C PRO B 9 8.02 -5.31 7.41
N GLY B 10 7.12 -5.25 6.43
CA GLY B 10 6.57 -6.46 5.87
C GLY B 10 5.06 -6.46 5.77
N TYR B 11 4.55 -7.21 4.79
CA TYR B 11 3.12 -7.43 4.61
C TYR B 11 2.89 -8.77 3.93
N LYS B 12 2.43 -9.75 4.70
CA LYS B 12 1.98 -11.02 4.17
C LYS B 12 1.83 -12.04 5.29
N LEU B 13 0.74 -11.93 6.03
CA LEU B 13 0.42 -12.89 7.08
C LEU B 13 -0.61 -13.89 6.57
N VAL B 14 -1.61 -13.37 5.88
CA VAL B 14 -2.64 -14.18 5.23
C VAL B 14 -2.99 -13.56 3.89
#